data_1VK8
#
_entry.id   1VK8
#
_cell.length_a   47.646
_cell.length_b   47.650
_cell.length_c   49.608
_cell.angle_alpha   73.80
_cell.angle_beta   62.90
_cell.angle_gamma   73.62
#
_symmetry.space_group_name_H-M   'P 1'
#
loop_
_entity.id
_entity.type
_entity.pdbx_description
1 polymer 'hypothetical protein TM0486'
2 non-polymer 'UNKNOWN LIGAND'
3 water water
#
_entity_poly.entity_id   1
_entity_poly.type   'polypeptide(L)'
_entity_poly.pdbx_seq_one_letter_code
;MGSDKIHHHHHH(MSE)PKVTVSIKVVPAVEDGRLHEVIDRAIEKISSWG(MSE)KYEVGPSNTTVEGEFEEI(MSE)DR
VKELARYLEQFAKRFVLQLDIDYKAGGITIEEKVSKYR
;
_entity_poly.pdbx_strand_id   A,B,C,D
#
loop_
_chem_comp.id
_chem_comp.type
_chem_comp.name
_chem_comp.formula
UNL non-polymer 'UNKNOWN LIGAND' ?
#
# COMPACT_ATOMS: atom_id res chain seq x y z
N PRO A 14 -16.59 -7.93 -17.33
CA PRO A 14 -15.27 -8.07 -16.65
C PRO A 14 -15.27 -7.43 -15.25
N LYS A 15 -14.80 -8.20 -14.28
CA LYS A 15 -14.68 -7.68 -12.94
C LYS A 15 -13.24 -7.33 -12.63
N VAL A 16 -13.07 -6.55 -11.59
CA VAL A 16 -11.78 -6.34 -10.97
C VAL A 16 -11.91 -6.78 -9.51
N THR A 17 -10.77 -6.92 -8.84
CA THR A 17 -10.78 -6.97 -7.38
C THR A 17 -10.21 -5.69 -6.83
N VAL A 18 -10.80 -5.22 -5.73
CA VAL A 18 -10.34 -4.02 -5.06
C VAL A 18 -10.24 -4.35 -3.57
N SER A 19 -9.04 -4.25 -3.04
CA SER A 19 -8.80 -4.43 -1.62
C SER A 19 -8.78 -3.07 -0.95
N ILE A 20 -9.58 -2.93 0.10
CA ILE A 20 -9.82 -1.65 0.75
C ILE A 20 -9.31 -1.72 2.17
N LYS A 21 -8.48 -0.74 2.53
CA LYS A 21 -7.98 -0.58 3.88
C LYS A 21 -8.32 0.79 4.39
N VAL A 22 -8.91 0.84 5.57
CA VAL A 22 -9.16 2.10 6.29
C VAL A 22 -8.28 2.14 7.52
N VAL A 23 -7.56 3.24 7.68
CA VAL A 23 -6.74 3.47 8.86
C VAL A 23 -7.12 4.84 9.43
N PRO A 24 -8.05 4.88 10.39
CA PRO A 24 -8.53 6.15 10.95
C PRO A 24 -7.54 6.79 11.93
N ALA A 25 -7.53 8.12 11.95
CA ALA A 25 -6.74 8.88 12.91
C ALA A 25 -7.61 9.04 14.15
N VAL A 26 -7.69 7.98 14.95
CA VAL A 26 -8.40 7.98 16.23
C VAL A 26 -7.54 7.19 17.22
N GLU A 27 -7.83 7.30 18.50
CA GLU A 27 -7.03 6.57 19.48
C GLU A 27 -7.26 5.08 19.29
N ASP A 28 -6.26 4.23 19.61
CA ASP A 28 -6.27 2.78 19.39
C ASP A 28 -7.57 2.10 19.84
N GLY A 29 -8.14 2.57 20.94
CA GLY A 29 -9.37 2.01 21.47
C GLY A 29 -10.61 2.15 20.60
N ARG A 30 -10.56 3.06 19.63
CA ARG A 30 -11.67 3.32 18.70
C ARG A 30 -11.44 2.77 17.30
N LEU A 31 -10.26 2.22 17.08
CA LEU A 31 -9.81 1.83 15.75
C LEU A 31 -10.66 0.72 15.15
N HIS A 32 -10.85 -0.37 15.89
CA HIS A 32 -11.50 -1.56 15.32
C HIS A 32 -12.99 -1.24 15.01
N GLU A 33 -13.58 -0.32 15.78
CA GLU A 33 -14.97 0.13 15.59
C GLU A 33 -15.20 0.81 14.25
N VAL A 34 -14.33 1.76 13.90
CA VAL A 34 -14.43 2.49 12.63
C VAL A 34 -14.31 1.49 11.51
N ILE A 35 -13.37 0.55 11.67
CA ILE A 35 -13.17 -0.48 10.68
C ILE A 35 -14.39 -1.38 10.52
N ASP A 36 -15.04 -1.74 11.62
CA ASP A 36 -16.32 -2.47 11.58
C ASP A 36 -17.41 -1.73 10.81
N ARG A 37 -17.48 -0.40 10.95
CA ARG A 37 -18.48 0.38 10.24
C ARG A 37 -18.19 0.32 8.74
N ALA A 38 -16.92 0.41 8.37
CA ALA A 38 -16.49 0.32 7.00
C ALA A 38 -16.83 -1.05 6.40
N ILE A 39 -16.54 -2.12 7.12
CA ILE A 39 -16.86 -3.46 6.67
C ILE A 39 -18.37 -3.63 6.51
N GLU A 40 -19.16 -3.20 7.48
CA GLU A 40 -20.61 -3.25 7.36
C GLU A 40 -21.10 -2.50 6.11
N LYS A 41 -20.58 -1.31 5.87
CA LYS A 41 -20.99 -0.55 4.70
C LYS A 41 -20.60 -1.30 3.42
N ILE A 42 -19.40 -1.83 3.36
CA ILE A 42 -18.97 -2.62 2.18
C ILE A 42 -19.90 -3.80 1.91
N SER A 43 -20.35 -4.45 2.98
CA SER A 43 -21.25 -5.59 2.87
C SER A 43 -22.60 -5.25 2.25
N SER A 44 -22.99 -3.98 2.31
CA SER A 44 -24.24 -3.47 1.75
C SER A 44 -24.23 -3.28 0.23
N TRP A 45 -23.08 -3.42 -0.41
CA TRP A 45 -22.95 -3.15 -1.81
C TRP A 45 -23.51 -4.28 -2.66
N GLY A 46 -23.61 -5.47 -2.09
CA GLY A 46 -24.15 -6.61 -2.80
C GLY A 46 -23.12 -7.40 -3.59
N MSE A 47 -21.86 -7.00 -3.49
CA MSE A 47 -20.78 -7.62 -4.22
C MSE A 47 -20.14 -8.67 -3.36
O MSE A 47 -20.14 -8.56 -2.14
CB MSE A 47 -19.70 -6.57 -4.57
CG MSE A 47 -20.22 -5.57 -5.50
SE MSE A 47 -18.73 -4.28 -5.83
CE MSE A 47 -19.82 -3.11 -6.77
N LYS A 48 -19.61 -9.71 -4.02
CA LYS A 48 -18.81 -10.69 -3.32
C LYS A 48 -17.66 -9.96 -2.62
N TYR A 49 -17.39 -10.36 -1.38
CA TYR A 49 -16.35 -9.73 -0.60
C TYR A 49 -15.74 -10.71 0.39
N GLU A 50 -14.53 -10.40 0.78
CA GLU A 50 -13.77 -11.19 1.73
C GLU A 50 -13.06 -10.26 2.72
N VAL A 51 -13.34 -10.39 4.01
CA VAL A 51 -12.61 -9.64 5.02
C VAL A 51 -11.30 -10.38 5.37
N GLY A 52 -10.18 -9.69 5.27
CA GLY A 52 -8.90 -10.26 5.70
C GLY A 52 -8.35 -9.51 6.89
N PRO A 53 -7.20 -9.95 7.42
CA PRO A 53 -6.56 -9.27 8.55
C PRO A 53 -6.16 -7.84 8.28
N SER A 54 -5.85 -7.47 7.03
CA SER A 54 -5.31 -6.14 6.75
C SER A 54 -6.18 -5.29 5.84
N ASN A 55 -7.15 -5.92 5.19
CA ASN A 55 -8.00 -5.22 4.23
C ASN A 55 -9.23 -6.06 3.94
N THR A 56 -10.18 -5.48 3.22
CA THR A 56 -11.38 -6.20 2.77
C THR A 56 -11.39 -6.08 1.28
N THR A 57 -11.49 -7.21 0.60
CA THR A 57 -11.46 -7.27 -0.85
C THR A 57 -12.85 -7.46 -1.42
N VAL A 58 -13.23 -6.61 -2.37
CA VAL A 58 -14.45 -6.76 -3.15
C VAL A 58 -14.15 -7.15 -4.58
N GLU A 59 -15.06 -7.89 -5.18
CA GLU A 59 -15.00 -8.24 -6.58
C GLU A 59 -16.23 -7.63 -7.23
N GLY A 60 -16.06 -6.92 -8.33
CA GLY A 60 -17.16 -6.34 -9.06
C GLY A 60 -16.74 -5.40 -10.17
N GLU A 61 -17.69 -4.63 -10.71
CA GLU A 61 -17.41 -3.79 -11.85
C GLU A 61 -16.67 -2.54 -11.37
N PHE A 62 -15.57 -2.21 -12.04
CA PHE A 62 -14.64 -1.19 -11.57
C PHE A 62 -15.30 0.15 -11.30
N GLU A 63 -16.04 0.67 -12.27
CA GLU A 63 -16.60 2.01 -12.14
C GLU A 63 -17.63 2.08 -10.99
N GLU A 64 -18.46 1.04 -10.85
CA GLU A 64 -19.38 0.95 -9.73
C GLU A 64 -18.66 0.94 -8.40
N ILE A 65 -17.60 0.16 -8.28
CA ILE A 65 -16.81 0.17 -7.06
C ILE A 65 -16.25 1.58 -6.77
N MSE A 66 -15.71 2.26 -7.76
CA MSE A 66 -15.21 3.61 -7.54
C MSE A 66 -16.33 4.55 -7.03
O MSE A 66 -16.06 5.36 -6.16
CB MSE A 66 -14.56 4.19 -8.78
CG MSE A 66 -13.37 3.40 -9.32
SE MSE A 66 -11.91 3.25 -7.94
CE MSE A 66 -12.13 1.42 -7.47
N ASP A 67 -17.57 4.38 -7.51
CA ASP A 67 -18.69 5.21 -7.04
C ASP A 67 -19.06 4.84 -5.60
N ARG A 68 -19.00 3.55 -5.26
CA ARG A 68 -19.22 3.09 -3.88
C ARG A 68 -18.15 3.58 -2.93
N VAL A 69 -16.91 3.69 -3.41
CA VAL A 69 -15.82 4.27 -2.61
C VAL A 69 -16.10 5.72 -2.27
N LYS A 70 -16.68 6.50 -3.20
CA LYS A 70 -17.07 7.88 -2.89
C LYS A 70 -18.05 7.93 -1.70
N GLU A 71 -19.06 7.07 -1.75
CA GLU A 71 -20.07 6.96 -0.70
C GLU A 71 -19.45 6.51 0.62
N LEU A 72 -18.55 5.52 0.56
CA LEU A 72 -17.87 5.00 1.72
C LEU A 72 -17.10 6.11 2.48
N ALA A 73 -16.35 6.93 1.76
CA ALA A 73 -15.57 7.99 2.38
C ALA A 73 -16.46 8.98 3.12
N ARG A 74 -17.57 9.36 2.49
CA ARG A 74 -18.51 10.32 3.07
C ARG A 74 -19.14 9.74 4.33
N TYR A 75 -19.54 8.48 4.25
CA TYR A 75 -20.12 7.73 5.35
C TYR A 75 -19.19 7.68 6.54
N LEU A 76 -17.91 7.38 6.27
CA LEU A 76 -16.94 7.19 7.36
C LEU A 76 -16.62 8.48 8.11
N GLU A 77 -16.81 9.62 7.45
CA GLU A 77 -16.65 10.92 8.06
C GLU A 77 -17.38 11.08 9.39
N GLN A 78 -18.55 10.48 9.57
CA GLN A 78 -19.26 10.62 10.85
C GLN A 78 -18.53 9.93 12.01
N PHE A 79 -17.67 8.97 11.70
CA PHE A 79 -16.97 8.21 12.71
C PHE A 79 -15.53 8.66 12.92
N ALA A 80 -14.90 9.14 11.86
CA ALA A 80 -13.48 9.52 11.88
C ALA A 80 -13.34 10.66 10.90
N LYS A 81 -12.94 11.82 11.41
CA LYS A 81 -12.85 13.02 10.61
C LYS A 81 -11.57 13.02 9.76
N ARG A 82 -10.63 12.14 10.08
CA ARG A 82 -9.42 11.97 9.30
C ARG A 82 -9.12 10.51 9.22
N PHE A 83 -8.91 10.01 8.02
CA PHE A 83 -8.50 8.62 7.83
C PHE A 83 -7.75 8.46 6.54
N VAL A 84 -6.88 7.45 6.51
CA VAL A 84 -6.25 6.95 5.31
C VAL A 84 -7.22 5.90 4.74
N LEU A 85 -7.44 5.97 3.44
CA LEU A 85 -8.22 4.99 2.71
C LEU A 85 -7.37 4.53 1.55
N GLN A 86 -7.09 3.24 1.50
CA GLN A 86 -6.22 2.68 0.51
C GLN A 86 -6.99 1.68 -0.32
N LEU A 87 -6.84 1.80 -1.63
CA LEU A 87 -7.39 0.87 -2.61
C LEU A 87 -6.25 0.19 -3.35
N ASP A 88 -6.29 -1.13 -3.43
CA ASP A 88 -5.35 -1.89 -4.22
C ASP A 88 -6.21 -2.65 -5.25
N ILE A 89 -6.11 -2.22 -6.50
CA ILE A 89 -7.00 -2.66 -7.58
C ILE A 89 -6.20 -3.57 -8.47
N ASP A 90 -6.73 -4.77 -8.72
CA ASP A 90 -6.16 -5.65 -9.70
C ASP A 90 -7.00 -5.54 -10.97
N TYR A 91 -6.42 -4.96 -12.00
CA TYR A 91 -7.17 -4.60 -13.18
C TYR A 91 -6.70 -5.47 -14.29
N LYS A 92 -7.59 -6.25 -14.87
CA LYS A 92 -7.23 -7.15 -15.97
C LYS A 92 -8.23 -7.07 -17.11
N ALA A 93 -7.70 -6.88 -18.31
CA ALA A 93 -8.47 -7.03 -19.54
C ALA A 93 -9.17 -8.41 -19.60
N GLY A 94 -10.48 -8.39 -19.66
CA GLY A 94 -11.25 -9.62 -19.73
C GLY A 94 -11.76 -10.03 -18.35
N GLY A 95 -11.26 -9.38 -17.31
CA GLY A 95 -11.76 -9.60 -15.97
C GLY A 95 -10.84 -10.45 -15.12
N ILE A 96 -10.91 -10.26 -13.81
CA ILE A 96 -10.15 -11.07 -12.85
C ILE A 96 -11.00 -11.19 -11.59
N THR A 97 -10.90 -12.33 -10.92
CA THR A 97 -11.73 -12.60 -9.76
C THR A 97 -10.92 -13.00 -8.54
N ILE A 98 -11.57 -12.94 -7.39
CA ILE A 98 -10.99 -13.45 -6.15
C ILE A 98 -10.59 -14.92 -6.29
N GLU A 99 -11.48 -15.75 -6.81
CA GLU A 99 -11.27 -17.17 -6.92
C GLU A 99 -10.05 -17.47 -7.78
N GLU A 100 -9.89 -16.74 -8.88
CA GLU A 100 -8.74 -16.92 -9.76
C GLU A 100 -7.42 -16.66 -9.04
N LYS A 101 -7.47 -15.77 -8.05
CA LYS A 101 -6.31 -15.32 -7.29
C LYS A 101 -6.02 -16.21 -6.07
N VAL A 102 -7.05 -16.77 -5.42
CA VAL A 102 -6.85 -17.50 -4.14
C VAL A 102 -7.14 -18.99 -4.13
N SER A 103 -7.97 -19.47 -5.03
CA SER A 103 -8.53 -20.82 -4.91
C SER A 103 -7.44 -21.91 -4.99
N LYS A 104 -6.36 -21.61 -5.71
CA LYS A 104 -5.19 -22.49 -5.81
C LYS A 104 -4.56 -22.72 -4.43
N TYR A 105 -4.61 -21.72 -3.55
CA TYR A 105 -4.04 -21.83 -2.20
C TYR A 105 -5.07 -22.11 -1.12
N ARG A 106 -6.23 -22.64 -1.51
CA ARG A 106 -7.32 -22.96 -0.60
C ARG A 106 -8.06 -24.24 -1.01
N PRO B 14 -14.83 17.72 0.25
CA PRO B 14 -13.44 18.21 0.55
C PRO B 14 -12.39 17.92 -0.53
N LYS B 15 -11.41 18.85 -0.59
CA LYS B 15 -10.06 18.63 -1.18
C LYS B 15 -9.13 17.72 -0.36
N VAL B 16 -8.60 16.69 -1.00
CA VAL B 16 -7.82 15.66 -0.34
C VAL B 16 -6.57 15.40 -1.15
N THR B 17 -5.69 14.54 -0.65
CA THR B 17 -4.59 14.09 -1.47
C THR B 17 -4.76 12.63 -1.78
N VAL B 18 -4.37 12.26 -2.99
CA VAL B 18 -4.48 10.89 -3.47
C VAL B 18 -3.19 10.53 -4.17
N SER B 19 -2.45 9.59 -3.61
CA SER B 19 -1.23 9.10 -4.18
C SER B 19 -1.53 7.86 -5.01
N ILE B 20 -1.01 7.84 -6.25
CA ILE B 20 -1.39 6.86 -7.24
C ILE B 20 -0.14 6.12 -7.69
N LYS B 21 -0.20 4.79 -7.63
CA LYS B 21 0.86 3.91 -8.12
C LYS B 21 0.32 2.92 -9.13
N VAL B 22 0.98 2.83 -10.28
CA VAL B 22 0.66 1.83 -11.29
C VAL B 22 1.82 0.85 -11.35
N VAL B 23 1.49 -0.42 -11.26
CA VAL B 23 2.47 -1.48 -11.44
C VAL B 23 1.98 -2.45 -12.54
N PRO B 24 2.42 -2.23 -13.76
CA PRO B 24 1.96 -3.04 -14.89
C PRO B 24 2.61 -4.40 -14.97
N ALA B 25 1.85 -5.38 -15.40
CA ALA B 25 2.35 -6.73 -15.66
C ALA B 25 2.94 -6.77 -17.07
N VAL B 26 4.10 -6.13 -17.23
CA VAL B 26 4.84 -6.15 -18.45
C VAL B 26 6.28 -6.50 -18.12
N GLU B 27 6.98 -7.00 -19.13
CA GLU B 27 8.42 -7.23 -19.02
C GLU B 27 9.05 -5.91 -18.62
N ASP B 28 10.07 -6.00 -17.77
CA ASP B 28 10.61 -4.83 -17.09
C ASP B 28 11.15 -3.72 -18.01
N GLY B 29 11.52 -4.05 -19.25
CA GLY B 29 11.95 -3.05 -20.22
C GLY B 29 10.88 -2.07 -20.68
N ARG B 30 9.61 -2.38 -20.39
CA ARG B 30 8.48 -1.50 -20.69
C ARG B 30 7.85 -0.88 -19.46
N LEU B 31 8.28 -1.31 -18.28
CA LEU B 31 7.77 -0.83 -17.02
C LEU B 31 7.70 0.69 -16.94
N HIS B 32 8.84 1.34 -17.18
CA HIS B 32 8.95 2.79 -16.99
C HIS B 32 8.04 3.51 -17.96
N GLU B 33 7.89 2.95 -19.15
CA GLU B 33 7.08 3.56 -20.22
C GLU B 33 5.60 3.62 -19.92
N VAL B 34 5.04 2.52 -19.43
CA VAL B 34 3.63 2.50 -19.02
C VAL B 34 3.39 3.53 -17.92
N ILE B 35 4.34 3.60 -16.99
CA ILE B 35 4.27 4.57 -15.92
C ILE B 35 4.29 6.01 -16.44
N ASP B 36 5.13 6.28 -17.43
CA ASP B 36 5.18 7.60 -18.05
C ASP B 36 3.83 8.01 -18.64
N ARG B 37 3.11 7.08 -19.26
CA ARG B 37 1.77 7.34 -19.80
C ARG B 37 0.79 7.68 -18.69
N ALA B 38 0.87 6.97 -17.58
CA ALA B 38 0.04 7.24 -16.40
C ALA B 38 0.29 8.65 -15.86
N ILE B 39 1.56 9.01 -15.70
CA ILE B 39 1.94 10.35 -15.24
C ILE B 39 1.47 11.46 -16.17
N GLU B 40 1.73 11.31 -17.45
CA GLU B 40 1.24 12.27 -18.41
C GLU B 40 -0.28 12.45 -18.34
N LYS B 41 -1.01 11.34 -18.26
CA LYS B 41 -2.46 11.39 -18.13
C LYS B 41 -2.87 12.17 -16.86
N ILE B 42 -2.24 11.84 -15.74
CA ILE B 42 -2.55 12.53 -14.48
C ILE B 42 -2.31 14.06 -14.57
N SER B 43 -1.26 14.44 -15.28
CA SER B 43 -0.88 15.84 -15.49
C SER B 43 -1.90 16.62 -16.29
N SER B 44 -2.76 15.92 -17.04
CA SER B 44 -3.78 16.53 -17.89
C SER B 44 -4.99 16.92 -17.06
N TRP B 45 -5.08 16.49 -15.82
CA TRP B 45 -6.29 16.73 -15.04
C TRP B 45 -6.44 18.16 -14.55
N GLY B 46 -5.36 18.97 -14.61
CA GLY B 46 -5.40 20.34 -14.16
C GLY B 46 -5.20 20.51 -12.66
N MSE B 47 -5.01 19.41 -11.96
CA MSE B 47 -4.76 19.44 -10.50
C MSE B 47 -3.29 19.53 -10.17
O MSE B 47 -2.45 19.01 -10.89
CB MSE B 47 -5.34 18.20 -9.83
CG MSE B 47 -6.80 18.15 -9.99
SE MSE B 47 -7.43 16.40 -9.24
CE MSE B 47 -9.16 16.71 -9.65
N LYS B 48 -3.00 20.17 -9.04
CA LYS B 48 -1.68 20.14 -8.45
C LYS B 48 -1.26 18.68 -8.26
N TYR B 49 -0.05 18.37 -8.71
CA TYR B 49 0.47 17.04 -8.52
C TYR B 49 1.99 17.06 -8.29
N GLU B 50 2.47 15.98 -7.70
CA GLU B 50 3.88 15.75 -7.44
C GLU B 50 4.26 14.30 -7.79
N VAL B 51 5.23 14.13 -8.68
CA VAL B 51 5.75 12.82 -8.99
C VAL B 51 6.82 12.47 -7.98
N GLY B 52 6.69 11.33 -7.35
CA GLY B 52 7.70 10.84 -6.41
C GLY B 52 8.30 9.55 -6.92
N PRO B 53 9.27 9.00 -6.18
CA PRO B 53 9.92 7.75 -6.61
C PRO B 53 8.98 6.55 -6.64
N SER B 54 7.89 6.55 -5.89
CA SER B 54 7.06 5.36 -5.79
C SER B 54 5.61 5.55 -6.20
N ASN B 55 5.22 6.81 -6.37
CA ASN B 55 3.85 7.15 -6.66
C ASN B 55 3.76 8.58 -7.15
N THR B 56 2.58 8.97 -7.63
CA THR B 56 2.28 10.36 -7.97
C THR B 56 1.10 10.82 -7.16
N THR B 57 1.26 11.96 -6.48
CA THR B 57 0.24 12.49 -5.58
C THR B 57 -0.46 13.64 -6.24
N VAL B 58 -1.78 13.56 -6.30
CA VAL B 58 -2.62 14.68 -6.74
C VAL B 58 -3.35 15.29 -5.55
N GLU B 59 -3.61 16.58 -5.63
CA GLU B 59 -4.44 17.27 -4.66
C GLU B 59 -5.67 17.79 -5.39
N GLY B 60 -6.86 17.49 -4.87
CA GLY B 60 -8.09 18.02 -5.45
C GLY B 60 -9.33 17.45 -4.81
N GLU B 61 -10.48 17.72 -5.43
CA GLU B 61 -11.73 17.32 -4.83
C GLU B 61 -11.89 15.79 -4.99
N PHE B 62 -12.25 15.12 -3.91
CA PHE B 62 -12.22 13.64 -3.86
C PHE B 62 -13.02 12.94 -4.96
N GLU B 63 -14.28 13.34 -5.18
CA GLU B 63 -15.14 12.64 -6.13
C GLU B 63 -14.63 12.85 -7.56
N GLU B 64 -14.10 14.04 -7.83
CA GLU B 64 -13.53 14.33 -9.13
C GLU B 64 -12.34 13.45 -9.38
N ILE B 65 -11.48 13.30 -8.37
CA ILE B 65 -10.32 12.42 -8.52
C ILE B 65 -10.78 10.98 -8.80
N MSE B 66 -11.80 10.51 -8.07
CA MSE B 66 -12.29 9.14 -8.26
C MSE B 66 -12.78 8.94 -9.70
O MSE B 66 -12.52 7.90 -10.31
CB MSE B 66 -13.36 8.79 -7.23
CG MSE B 66 -12.86 8.78 -5.80
SE MSE B 66 -11.30 7.53 -5.55
CE MSE B 66 -12.21 5.91 -5.82
N ASP B 67 -13.43 9.95 -10.27
CA ASP B 67 -13.89 9.90 -11.65
C ASP B 67 -12.71 9.90 -12.61
N ARG B 68 -11.69 10.67 -12.32
CA ARG B 68 -10.48 10.70 -13.15
C ARG B 68 -9.75 9.36 -13.11
N VAL B 69 -9.78 8.72 -11.96
CA VAL B 69 -9.14 7.41 -11.80
C VAL B 69 -9.87 6.40 -12.68
N LYS B 70 -11.19 6.53 -12.85
CA LYS B 70 -11.95 5.65 -13.77
C LYS B 70 -11.38 5.79 -15.19
N GLU B 71 -11.16 7.03 -15.61
CA GLU B 71 -10.64 7.34 -16.95
C GLU B 71 -9.21 6.82 -17.11
N LEU B 72 -8.38 7.00 -16.08
CA LEU B 72 -6.99 6.57 -16.08
C LEU B 72 -6.87 5.06 -16.32
N ALA B 73 -7.70 4.28 -15.61
CA ALA B 73 -7.65 2.82 -15.75
C ALA B 73 -7.99 2.38 -17.18
N ARG B 74 -9.03 2.99 -17.76
CA ARG B 74 -9.45 2.67 -19.11
C ARG B 74 -8.38 3.07 -20.08
N TYR B 75 -7.76 4.22 -19.86
CA TYR B 75 -6.68 4.70 -20.70
C TYR B 75 -5.49 3.74 -20.73
N LEU B 76 -5.12 3.25 -19.56
CA LEU B 76 -3.95 2.39 -19.38
C LEU B 76 -4.09 1.00 -20.02
N GLU B 77 -5.32 0.52 -20.21
CA GLU B 77 -5.59 -0.76 -20.92
C GLU B 77 -4.90 -0.89 -22.26
N GLN B 78 -4.80 0.20 -23.03
CA GLN B 78 -4.14 0.16 -24.33
C GLN B 78 -2.63 -0.14 -24.22
N PHE B 79 -2.03 0.10 -23.06
CA PHE B 79 -0.62 -0.11 -22.82
C PHE B 79 -0.29 -1.38 -22.02
N ALA B 80 -1.26 -1.89 -21.25
CA ALA B 80 -1.01 -3.03 -20.41
C ALA B 80 -2.33 -3.73 -20.12
N LYS B 81 -2.38 -5.00 -20.45
CA LYS B 81 -3.57 -5.80 -20.27
C LYS B 81 -3.87 -6.09 -18.81
N ARG B 82 -2.84 -6.05 -17.98
CA ARG B 82 -2.98 -6.27 -16.55
C ARG B 82 -2.07 -5.30 -15.81
N PHE B 83 -2.61 -4.69 -14.76
CA PHE B 83 -1.83 -3.84 -13.92
C PHE B 83 -2.47 -3.75 -12.54
N VAL B 84 -1.63 -3.46 -11.57
CA VAL B 84 -2.07 -3.12 -10.24
C VAL B 84 -2.15 -1.60 -10.22
N LEU B 85 -3.26 -1.09 -9.70
CA LEU B 85 -3.46 0.33 -9.51
C LEU B 85 -3.76 0.57 -8.05
N GLN B 86 -2.94 1.37 -7.39
CA GLN B 86 -3.08 1.60 -5.96
C GLN B 86 -3.33 3.06 -5.68
N LEU B 87 -4.34 3.31 -4.85
CA LEU B 87 -4.65 4.66 -4.40
C LEU B 87 -4.45 4.71 -2.90
N ASP B 88 -3.72 5.73 -2.44
CA ASP B 88 -3.54 6.00 -1.04
C ASP B 88 -4.12 7.40 -0.81
N ILE B 89 -5.31 7.41 -0.22
CA ILE B 89 -6.10 8.65 -0.01
C ILE B 89 -5.95 9.16 1.42
N ASP B 90 -5.61 10.42 1.59
CA ASP B 90 -5.61 11.07 2.87
C ASP B 90 -6.89 11.90 2.92
N TYR B 91 -7.88 11.38 3.63
CA TYR B 91 -9.19 12.00 3.64
C TYR B 91 -9.32 12.76 4.93
N LYS B 92 -9.57 14.06 4.85
CA LYS B 92 -9.77 14.88 6.01
C LYS B 92 -10.99 15.75 5.80
N ALA B 93 -11.91 15.71 6.74
CA ALA B 93 -13.02 16.64 6.77
C ALA B 93 -12.51 18.08 6.73
N GLY B 94 -12.97 18.86 5.76
CA GLY B 94 -12.53 20.24 5.69
C GLY B 94 -11.25 20.47 4.88
N GLY B 95 -10.60 19.39 4.49
CA GLY B 95 -9.56 19.43 3.47
C GLY B 95 -8.17 19.18 4.01
N ILE B 96 -7.31 18.66 3.15
CA ILE B 96 -5.88 18.47 3.45
C ILE B 96 -5.13 18.62 2.13
N THR B 97 -3.98 19.26 2.20
CA THR B 97 -3.18 19.57 1.00
C THR B 97 -1.78 18.97 1.09
N ILE B 98 -1.14 18.85 -0.06
CA ILE B 98 0.27 18.45 -0.16
C ILE B 98 1.15 19.31 0.76
N GLU B 99 1.00 20.64 0.67
CA GLU B 99 1.85 21.56 1.41
C GLU B 99 1.71 21.34 2.90
N GLU B 100 0.48 21.09 3.40
CA GLU B 100 0.30 20.87 4.85
C GLU B 100 1.06 19.63 5.30
N LYS B 101 1.13 18.63 4.42
CA LYS B 101 1.83 17.38 4.72
C LYS B 101 3.37 17.45 4.56
N VAL B 102 3.91 18.27 3.66
CA VAL B 102 5.35 18.21 3.32
C VAL B 102 6.21 19.43 3.53
N SER B 103 5.60 20.60 3.56
CA SER B 103 6.35 21.87 3.48
C SER B 103 7.33 22.02 4.64
N LYS B 104 6.93 21.54 5.81
CA LYS B 104 7.75 21.54 7.03
C LYS B 104 9.07 20.80 6.82
N TYR B 105 9.08 19.78 5.94
CA TYR B 105 10.26 18.97 5.69
C TYR B 105 10.99 19.39 4.42
N ARG B 106 10.70 20.59 3.91
CA ARG B 106 11.39 21.16 2.76
C ARG B 106 11.70 22.63 3.00
N MSE C 13 7.09 -12.58 23.13
CA MSE C 13 5.64 -12.78 23.37
C MSE C 13 4.79 -11.89 22.44
O MSE C 13 3.87 -12.39 21.82
CB MSE C 13 5.29 -12.55 24.86
CG MSE C 13 3.88 -12.96 25.26
N PRO C 14 5.08 -10.59 22.32
CA PRO C 14 4.30 -9.73 21.40
C PRO C 14 4.51 -10.09 19.91
N LYS C 15 3.40 -10.29 19.19
CA LYS C 15 3.44 -10.55 17.78
C LYS C 15 2.96 -9.33 17.02
N VAL C 16 3.30 -9.27 15.75
CA VAL C 16 2.71 -8.31 14.83
C VAL C 16 2.07 -9.12 13.71
N THR C 17 1.27 -8.47 12.88
CA THR C 17 0.87 -9.05 11.60
C THR C 17 1.53 -8.24 10.51
N VAL C 18 1.93 -8.95 9.46
CA VAL C 18 2.62 -8.36 8.31
C VAL C 18 2.01 -8.99 7.06
N SER C 19 1.38 -8.16 6.26
CA SER C 19 0.84 -8.59 4.98
C SER C 19 1.83 -8.25 3.91
N ILE C 20 2.10 -9.22 3.05
CA ILE C 20 3.17 -9.19 2.09
C ILE C 20 2.53 -9.32 0.71
N LYS C 21 2.92 -8.42 -0.19
CA LYS C 21 2.47 -8.46 -1.58
C LYS C 21 3.68 -8.39 -2.48
N VAL C 22 3.74 -9.33 -3.43
CA VAL C 22 4.79 -9.33 -4.45
C VAL C 22 4.12 -9.05 -5.78
N VAL C 23 4.64 -8.05 -6.48
CA VAL C 23 4.17 -7.72 -7.83
C VAL C 23 5.37 -7.73 -8.78
N PRO C 24 5.59 -8.84 -9.48
CA PRO C 24 6.73 -8.96 -10.39
C PRO C 24 6.56 -8.26 -11.72
N ALA C 25 7.66 -7.74 -12.24
CA ALA C 25 7.64 -7.06 -13.54
C ALA C 25 7.92 -8.14 -14.56
N VAL C 26 6.88 -8.94 -14.82
CA VAL C 26 6.89 -9.98 -15.81
C VAL C 26 5.54 -9.90 -16.55
N GLU C 27 5.50 -10.46 -17.75
CA GLU C 27 4.26 -10.55 -18.51
C GLU C 27 3.18 -11.30 -17.71
N ASP C 28 1.94 -10.85 -17.88
CA ASP C 28 0.76 -11.42 -17.24
C ASP C 28 0.71 -12.96 -17.11
N GLY C 29 1.16 -13.66 -18.15
CA GLY C 29 1.12 -15.12 -18.18
C GLY C 29 2.10 -15.81 -17.24
N ARG C 30 3.10 -15.09 -16.76
CA ARG C 30 4.07 -15.61 -15.79
C ARG C 30 3.90 -15.05 -14.35
N LEU C 31 2.98 -14.11 -14.16
CA LEU C 31 2.74 -13.56 -12.82
C LEU C 31 2.61 -14.63 -11.74
N HIS C 32 1.95 -15.75 -12.05
CA HIS C 32 1.51 -16.72 -11.04
C HIS C 32 2.62 -17.64 -10.54
N GLU C 33 3.67 -17.85 -11.31
CA GLU C 33 4.76 -18.69 -10.84
C GLU C 33 5.58 -18.00 -9.79
N VAL C 34 5.93 -16.73 -10.02
CA VAL C 34 6.61 -15.92 -9.03
C VAL C 34 5.81 -15.86 -7.72
N ILE C 35 4.50 -15.62 -7.81
CA ILE C 35 3.64 -15.50 -6.64
C ILE C 35 3.55 -16.81 -5.90
N ASP C 36 3.47 -17.91 -6.65
CA ASP C 36 3.45 -19.25 -6.06
C ASP C 36 4.70 -19.53 -5.23
N ARG C 37 5.86 -19.12 -5.74
CA ARG C 37 7.13 -19.36 -5.05
C ARG C 37 7.19 -18.53 -3.78
N ALA C 38 6.70 -17.30 -3.87
CA ALA C 38 6.60 -16.42 -2.74
C ALA C 38 5.75 -17.03 -1.64
N ILE C 39 4.56 -17.51 -2.01
CA ILE C 39 3.66 -18.14 -1.03
C ILE C 39 4.26 -19.40 -0.44
N GLU C 40 4.85 -20.25 -1.28
CA GLU C 40 5.52 -21.45 -0.81
C GLU C 40 6.65 -21.12 0.16
N LYS C 41 7.43 -20.08 -0.15
CA LYS C 41 8.51 -19.69 0.74
C LYS C 41 7.94 -19.18 2.08
N ILE C 42 6.94 -18.30 2.04
CA ILE C 42 6.32 -17.81 3.27
C ILE C 42 5.82 -18.97 4.19
N SER C 43 5.26 -20.02 3.58
CA SER C 43 4.70 -21.16 4.33
C SER C 43 5.76 -22.00 5.06
N SER C 44 7.01 -21.88 4.63
CA SER C 44 8.14 -22.61 5.21
C SER C 44 8.63 -21.94 6.47
N TRP C 45 8.14 -20.75 6.78
CA TRP C 45 8.62 -20.01 7.94
C TRP C 45 8.11 -20.56 9.24
N GLY C 46 7.04 -21.36 9.21
CA GLY C 46 6.50 -21.96 10.41
C GLY C 46 5.51 -21.09 11.16
N MSE C 47 5.29 -19.88 10.66
CA MSE C 47 4.33 -18.94 11.26
C MSE C 47 2.97 -19.10 10.71
O MSE C 47 2.79 -19.54 9.58
CB MSE C 47 4.76 -17.51 10.99
CG MSE C 47 6.06 -17.23 11.56
SE MSE C 47 6.61 -15.38 10.97
CE MSE C 47 8.19 -15.43 11.95
N LYS C 48 1.99 -18.78 11.54
CA LYS C 48 0.61 -18.72 11.13
C LYS C 48 0.53 -17.72 9.96
N TYR C 49 -0.17 -18.13 8.91
CA TYR C 49 -0.31 -17.27 7.75
C TYR C 49 -1.67 -17.52 7.10
N GLU C 50 -2.12 -16.54 6.34
CA GLU C 50 -3.38 -16.62 5.58
C GLU C 50 -3.11 -15.99 4.21
N VAL C 51 -3.43 -16.72 3.15
CA VAL C 51 -3.32 -16.19 1.80
C VAL C 51 -4.65 -15.52 1.45
N GLY C 52 -4.57 -14.26 1.10
CA GLY C 52 -5.72 -13.51 0.63
C GLY C 52 -5.63 -13.21 -0.84
N PRO C 53 -6.70 -12.63 -1.41
CA PRO C 53 -6.69 -12.20 -2.81
C PRO C 53 -5.57 -11.21 -3.18
N SER C 54 -5.15 -10.36 -2.26
CA SER C 54 -4.22 -9.30 -2.61
C SER C 54 -2.86 -9.37 -1.95
N ASN C 55 -2.76 -10.22 -0.94
CA ASN C 55 -1.55 -10.34 -0.15
C ASN C 55 -1.60 -11.60 0.70
N THR C 56 -0.49 -11.90 1.36
CA THR C 56 -0.41 -12.98 2.33
C THR C 56 0.02 -12.40 3.64
N THR C 57 -0.77 -12.66 4.69
CA THR C 57 -0.54 -12.12 6.03
C THR C 57 0.09 -13.16 6.92
N VAL C 58 1.22 -12.83 7.52
CA VAL C 58 1.85 -13.68 8.55
C VAL C 58 1.69 -13.03 9.92
N GLU C 59 1.66 -13.85 10.95
CA GLU C 59 1.64 -13.41 12.32
C GLU C 59 2.87 -13.96 13.00
N GLY C 60 3.68 -13.10 13.60
CA GLY C 60 4.85 -13.56 14.30
C GLY C 60 5.62 -12.43 14.91
N GLU C 61 6.83 -12.74 15.37
CA GLU C 61 7.68 -11.75 16.01
C GLU C 61 8.28 -10.86 14.93
N PHE C 62 8.23 -9.56 15.17
CA PHE C 62 8.57 -8.53 14.17
C PHE C 62 9.97 -8.66 13.54
N GLU C 63 11.00 -8.76 14.35
CA GLU C 63 12.35 -8.79 13.82
C GLU C 63 12.63 -10.08 13.07
N GLU C 64 12.07 -11.19 13.52
CA GLU C 64 12.17 -12.43 12.79
C GLU C 64 11.53 -12.33 11.41
N ILE C 65 10.34 -11.75 11.33
CA ILE C 65 9.66 -11.55 10.03
C ILE C 65 10.53 -10.66 9.12
N MSE C 66 11.08 -9.58 9.66
CA MSE C 66 11.94 -8.68 8.84
C MSE C 66 13.12 -9.46 8.27
O MSE C 66 13.46 -9.33 7.11
CB MSE C 66 12.41 -7.47 9.65
CG MSE C 66 11.31 -6.54 10.07
SE MSE C 66 10.18 -5.94 8.53
CE MSE C 66 8.59 -7.01 8.84
N ASP C 67 13.74 -10.34 9.08
CA ASP C 67 14.82 -11.19 8.60
C ASP C 67 14.36 -12.19 7.55
N ARG C 68 13.16 -12.74 7.71
CA ARG C 68 12.60 -13.62 6.70
C ARG C 68 12.31 -12.89 5.40
N VAL C 69 11.91 -11.64 5.51
CA VAL C 69 11.66 -10.82 4.33
C VAL C 69 12.97 -10.61 3.57
N LYS C 70 14.09 -10.42 4.26
CA LYS C 70 15.40 -10.33 3.58
C LYS C 70 15.66 -11.56 2.72
N GLU C 71 15.44 -12.73 3.30
CA GLU C 71 15.62 -14.01 2.60
C GLU C 71 14.63 -14.17 1.46
N LEU C 72 13.38 -13.76 1.67
CA LEU C 72 12.35 -13.81 0.63
C LEU C 72 12.77 -13.03 -0.62
N ALA C 73 13.24 -11.81 -0.45
CA ALA C 73 13.64 -10.96 -1.58
C ALA C 73 14.78 -11.60 -2.38
N ARG C 74 15.79 -12.11 -1.66
CA ARG C 74 16.92 -12.76 -2.33
C ARG C 74 16.44 -13.96 -3.09
N TYR C 75 15.56 -14.72 -2.47
CA TYR C 75 15.03 -15.94 -3.07
C TYR C 75 14.29 -15.62 -4.37
N LEU C 76 13.47 -14.58 -4.34
CA LEU C 76 12.63 -14.19 -5.47
C LEU C 76 13.40 -13.66 -6.66
N GLU C 77 14.57 -13.08 -6.45
CA GLU C 77 15.32 -12.56 -7.59
C GLU C 77 15.73 -13.64 -8.61
N GLN C 78 15.74 -14.91 -8.22
CA GLN C 78 15.92 -16.01 -9.18
C GLN C 78 14.79 -16.05 -10.21
N PHE C 79 13.59 -15.67 -9.80
CA PHE C 79 12.38 -15.82 -10.61
C PHE C 79 11.93 -14.54 -11.34
N ALA C 80 12.43 -13.40 -10.86
CA ALA C 80 12.07 -12.11 -11.40
C ALA C 80 13.18 -11.14 -11.07
N LYS C 81 13.72 -10.54 -12.11
CA LYS C 81 14.82 -9.60 -11.99
C LYS C 81 14.33 -8.27 -11.42
N ARG C 82 13.04 -8.00 -11.54
CA ARG C 82 12.46 -6.77 -10.99
C ARG C 82 11.08 -7.07 -10.41
N PHE C 83 10.85 -6.61 -9.19
CA PHE C 83 9.57 -6.77 -8.54
C PHE C 83 9.35 -5.72 -7.49
N VAL C 84 8.10 -5.41 -7.27
CA VAL C 84 7.69 -4.63 -6.14
C VAL C 84 7.36 -5.60 -5.00
N LEU C 85 7.85 -5.27 -3.82
CA LEU C 85 7.57 -6.02 -2.62
C LEU C 85 7.03 -5.04 -1.57
N GLN C 86 5.81 -5.28 -1.12
CA GLN C 86 5.12 -4.39 -0.19
C GLN C 86 4.80 -5.12 1.08
N LEU C 87 5.13 -4.46 2.20
CA LEU C 87 4.80 -4.94 3.55
C LEU C 87 3.87 -3.95 4.22
N ASP C 88 2.81 -4.46 4.84
CA ASP C 88 1.86 -3.66 5.61
C ASP C 88 1.86 -4.26 7.01
N ILE C 89 2.55 -3.58 7.93
CA ILE C 89 2.79 -4.09 9.28
C ILE C 89 1.82 -3.43 10.26
N ASP C 90 1.08 -4.22 11.03
CA ASP C 90 0.26 -3.69 12.10
C ASP C 90 1.07 -3.90 13.38
N TYR C 91 1.57 -2.81 13.93
CA TYR C 91 2.47 -2.86 15.05
C TYR C 91 1.73 -2.40 16.28
N LYS C 92 1.67 -3.23 17.29
CA LYS C 92 0.97 -2.86 18.51
C LYS C 92 1.81 -3.27 19.71
N ALA C 93 2.04 -2.33 20.62
CA ALA C 93 2.76 -2.66 21.84
C ALA C 93 1.99 -3.72 22.58
N GLY C 94 2.66 -4.79 22.97
CA GLY C 94 1.99 -5.88 23.71
C GLY C 94 1.45 -6.97 22.77
N GLY C 95 1.40 -6.68 21.48
CA GLY C 95 1.03 -7.66 20.47
C GLY C 95 -0.32 -7.47 19.84
N ILE C 96 -0.43 -7.91 18.58
CA ILE C 96 -1.69 -8.01 17.85
C ILE C 96 -1.63 -9.27 16.97
N THR C 97 -2.77 -9.89 16.77
CA THR C 97 -2.85 -11.17 16.04
C THR C 97 -3.89 -11.08 14.94
N ILE C 98 -3.84 -12.05 14.02
CA ILE C 98 -4.82 -12.18 12.97
C ILE C 98 -6.23 -12.30 13.57
N GLU C 99 -6.37 -13.18 14.56
CA GLU C 99 -7.67 -13.50 15.15
C GLU C 99 -8.29 -12.28 15.79
N GLU C 100 -7.49 -11.44 16.42
CA GLU C 100 -8.02 -10.23 17.06
C GLU C 100 -8.62 -9.29 16.04
N LYS C 101 -8.14 -9.35 14.80
CA LYS C 101 -8.65 -8.50 13.73
C LYS C 101 -9.77 -9.12 12.86
N VAL C 102 -9.85 -10.44 12.74
CA VAL C 102 -10.83 -11.05 11.82
C VAL C 102 -11.89 -11.96 12.44
N SER C 103 -11.67 -12.43 13.67
CA SER C 103 -12.51 -13.47 14.25
C SER C 103 -13.98 -13.10 14.22
N LYS C 104 -14.27 -11.84 14.51
CA LYS C 104 -15.60 -11.24 14.40
C LYS C 104 -16.36 -11.58 13.11
N TYR C 105 -15.61 -11.74 12.01
CA TYR C 105 -16.20 -11.94 10.68
C TYR C 105 -16.16 -13.38 10.21
N ARG C 106 -15.78 -14.30 11.09
CA ARG C 106 -15.50 -15.68 10.66
C ARG C 106 -15.72 -16.67 11.81
N PRO D 14 24.47 -2.93 -5.56
CA PRO D 14 23.05 -2.66 -5.96
C PRO D 14 22.20 -2.10 -4.83
N LYS D 15 21.50 -1.04 -5.14
CA LYS D 15 20.55 -0.43 -4.23
C LYS D 15 19.12 -0.76 -4.58
N VAL D 16 18.26 -0.52 -3.61
CA VAL D 16 16.81 -0.56 -3.81
C VAL D 16 16.26 0.80 -3.35
N THR D 17 15.04 1.08 -3.72
CA THR D 17 14.31 2.13 -3.03
C THR D 17 13.25 1.52 -2.14
N VAL D 18 13.02 2.14 -0.98
CA VAL D 18 11.99 1.70 -0.04
C VAL D 18 11.25 2.94 0.38
N SER D 19 9.96 2.98 0.07
CA SER D 19 9.10 4.07 0.53
C SER D 19 8.42 3.65 1.82
N ILE D 20 8.50 4.50 2.84
CA ILE D 20 8.03 4.19 4.17
C ILE D 20 6.92 5.12 4.56
N LYS D 21 5.81 4.53 5.03
CA LYS D 21 4.67 5.25 5.52
C LYS D 21 4.32 4.79 6.93
N VAL D 22 4.19 5.75 7.83
CA VAL D 22 3.73 5.48 9.18
C VAL D 22 2.38 6.13 9.37
N VAL D 23 1.45 5.33 9.86
CA VAL D 23 0.10 5.81 10.13
C VAL D 23 -0.25 5.44 11.58
N PRO D 24 -0.03 6.35 12.51
CA PRO D 24 -0.28 6.04 13.92
C PRO D 24 -1.75 6.09 14.31
N ALA D 25 -2.13 5.28 15.28
CA ALA D 25 -3.50 5.33 15.82
C ALA D 25 -3.48 6.27 16.99
N VAL D 26 -3.63 7.55 16.67
CA VAL D 26 -3.68 8.64 17.62
C VAL D 26 -4.63 9.65 17.02
N GLU D 27 -5.21 10.48 17.87
CA GLU D 27 -6.09 11.57 17.40
C GLU D 27 -5.36 12.47 16.42
N ASP D 28 -6.07 12.96 15.39
CA ASP D 28 -5.50 13.79 14.31
C ASP D 28 -4.49 14.85 14.77
N GLY D 29 -4.79 15.49 15.90
CA GLY D 29 -3.93 16.53 16.46
C GLY D 29 -2.50 16.11 16.74
N ARG D 30 -2.28 14.83 17.04
CA ARG D 30 -0.95 14.27 17.35
C ARG D 30 -0.30 13.47 16.21
N LEU D 31 -0.99 13.35 15.08
CA LEU D 31 -0.49 12.62 13.91
C LEU D 31 0.89 13.10 13.52
N HIS D 32 1.05 14.42 13.56
CA HIS D 32 2.11 15.12 12.86
C HIS D 32 3.39 14.87 13.64
N GLU D 33 3.26 14.80 14.95
CA GLU D 33 4.36 14.58 15.88
C GLU D 33 5.06 13.24 15.70
N VAL D 34 4.25 12.17 15.65
CA VAL D 34 4.77 10.82 15.43
C VAL D 34 5.48 10.80 14.08
N ILE D 35 4.86 11.41 13.08
CA ILE D 35 5.44 11.41 11.75
C ILE D 35 6.77 12.17 11.68
N ASP D 36 6.84 13.31 12.34
CA ASP D 36 8.07 14.09 12.54
C ASP D 36 9.21 13.24 13.07
N ARG D 37 8.92 12.41 14.07
CA ARG D 37 9.93 11.59 14.73
C ARG D 37 10.42 10.51 13.81
N ALA D 38 9.52 9.93 13.02
CA ALA D 38 9.88 8.94 12.04
C ALA D 38 10.78 9.56 10.99
N ILE D 39 10.41 10.72 10.48
CA ILE D 39 11.22 11.37 9.44
C ILE D 39 12.60 11.75 9.98
N GLU D 40 12.65 12.32 11.19
CA GLU D 40 13.90 12.63 11.87
C GLU D 40 14.78 11.37 12.01
N LYS D 41 14.21 10.27 12.47
CA LYS D 41 14.96 9.02 12.60
C LYS D 41 15.49 8.53 11.23
N ILE D 42 14.64 8.51 10.21
CA ILE D 42 15.07 8.09 8.86
C ILE D 42 16.25 8.95 8.35
N SER D 43 16.21 10.23 8.63
CA SER D 43 17.28 11.16 8.22
C SER D 43 18.63 10.88 8.87
N SER D 44 18.61 10.17 10.02
CA SER D 44 19.81 9.76 10.74
C SER D 44 20.54 8.55 10.13
N TRP D 45 19.96 7.88 9.15
CA TRP D 45 20.52 6.65 8.62
C TRP D 45 21.70 6.89 7.68
N GLY D 46 21.81 8.12 7.16
CA GLY D 46 22.90 8.47 6.26
C GLY D 46 22.64 8.13 4.81
N MSE D 47 21.45 7.61 4.52
CA MSE D 47 21.07 7.29 3.16
C MSE D 47 20.37 8.44 2.48
O MSE D 47 19.71 9.24 3.12
CB MSE D 47 20.14 6.07 3.14
CG MSE D 47 20.84 4.87 3.64
SE MSE D 47 19.41 3.44 3.71
CE MSE D 47 20.48 2.25 4.45
N LYS D 48 20.52 8.50 1.17
CA LYS D 48 19.73 9.43 0.36
C LYS D 48 18.25 9.16 0.64
N TYR D 49 17.49 10.25 0.85
CA TYR D 49 16.08 10.12 1.12
C TYR D 49 15.29 11.34 0.57
N GLU D 50 14.00 11.13 0.39
CA GLU D 50 13.10 12.18 -0.11
C GLU D 50 11.78 12.03 0.66
N VAL D 51 11.33 13.09 1.31
CA VAL D 51 10.03 13.10 1.97
C VAL D 51 8.96 13.52 0.94
N GLY D 52 7.95 12.70 0.80
CA GLY D 52 6.82 13.00 -0.06
C GLY D 52 5.58 13.24 0.78
N PRO D 53 4.49 13.65 0.13
CA PRO D 53 3.20 13.81 0.82
C PRO D 53 2.67 12.53 1.44
N SER D 54 3.01 11.35 0.90
CA SER D 54 2.40 10.12 1.39
C SER D 54 3.36 9.16 2.09
N ASN D 55 4.65 9.39 1.90
CA ASN D 55 5.67 8.48 2.36
C ASN D 55 7.04 9.15 2.27
N THR D 56 8.05 8.53 2.85
CA THR D 56 9.42 8.97 2.74
C THR D 56 10.18 7.85 2.08
N THR D 57 10.88 8.17 1.00
CA THR D 57 11.63 7.17 0.28
C THR D 57 13.09 7.23 0.60
N VAL D 58 13.66 6.08 0.97
CA VAL D 58 15.11 5.93 1.09
C VAL D 58 15.66 5.10 -0.05
N GLU D 59 16.90 5.39 -0.44
CA GLU D 59 17.68 4.60 -1.37
C GLU D 59 18.89 4.02 -0.63
N GLY D 60 19.12 2.72 -0.72
CA GLY D 60 20.31 2.11 -0.15
C GLY D 60 20.29 0.60 -0.21
N GLU D 61 21.17 -0.03 0.54
CA GLU D 61 21.31 -1.48 0.49
C GLU D 61 20.13 -2.13 1.21
N PHE D 62 19.56 -3.14 0.58
CA PHE D 62 18.28 -3.69 1.04
C PHE D 62 18.34 -4.21 2.49
N GLU D 63 19.30 -5.07 2.81
CA GLU D 63 19.31 -5.69 4.14
C GLU D 63 19.54 -4.64 5.24
N GLU D 64 20.37 -3.64 4.95
CA GLU D 64 20.62 -2.55 5.90
C GLU D 64 19.36 -1.73 6.15
N ILE D 65 18.61 -1.46 5.11
CA ILE D 65 17.33 -0.79 5.27
C ILE D 65 16.38 -1.63 6.13
N MSE D 66 16.28 -2.95 5.87
CA MSE D 66 15.42 -3.81 6.68
C MSE D 66 15.85 -3.76 8.17
O MSE D 66 14.99 -3.69 9.03
CB MSE D 66 15.43 -5.25 6.16
CG MSE D 66 14.83 -5.45 4.79
SE MSE D 66 13.01 -4.63 4.61
CE MSE D 66 13.46 -3.01 3.71
N ASP D 67 17.16 -3.74 8.46
CA ASP D 67 17.63 -3.63 9.84
C ASP D 67 17.28 -2.27 10.47
N ARG D 68 17.37 -1.22 9.68
CA ARG D 68 16.99 0.13 10.10
C ARG D 68 15.49 0.23 10.36
N VAL D 69 14.69 -0.52 9.61
CA VAL D 69 13.25 -0.55 9.83
C VAL D 69 12.92 -1.19 11.16
N LYS D 70 13.64 -2.28 11.54
CA LYS D 70 13.46 -2.89 12.87
C LYS D 70 13.64 -1.85 13.96
N GLU D 71 14.72 -1.08 13.86
CA GLU D 71 15.04 -0.02 14.82
C GLU D 71 13.99 1.09 14.84
N LEU D 72 13.54 1.51 13.65
CA LEU D 72 12.50 2.51 13.52
C LEU D 72 11.21 2.13 14.27
N ALA D 73 10.72 0.92 14.06
CA ALA D 73 9.50 0.47 14.73
C ALA D 73 9.62 0.47 16.26
N ARG D 74 10.74 -0.01 16.80
CA ARG D 74 10.97 0.04 18.24
C ARG D 74 11.02 1.47 18.73
N TYR D 75 11.69 2.32 17.97
CA TYR D 75 11.80 3.74 18.31
C TYR D 75 10.43 4.42 18.40
N LEU D 76 9.58 4.16 17.41
CA LEU D 76 8.25 4.78 17.32
C LEU D 76 7.27 4.37 18.42
N GLU D 77 7.51 3.23 19.03
CA GLU D 77 6.62 2.70 20.08
C GLU D 77 6.52 3.64 21.26
N GLN D 78 7.56 4.43 21.53
CA GLN D 78 7.49 5.42 22.61
C GLN D 78 6.58 6.61 22.32
N PHE D 79 6.23 6.81 21.06
CA PHE D 79 5.38 7.91 20.63
C PHE D 79 3.96 7.47 20.30
N ALA D 80 3.80 6.22 19.87
CA ALA D 80 2.50 5.64 19.52
C ALA D 80 2.54 4.15 19.83
N LYS D 81 1.63 3.69 20.65
CA LYS D 81 1.55 2.29 20.99
C LYS D 81 0.99 1.42 19.86
N ARG D 82 0.29 2.02 18.90
CA ARG D 82 -0.33 1.29 17.78
C ARG D 82 -0.10 2.10 16.52
N PHE D 83 0.49 1.50 15.51
CA PHE D 83 0.65 2.18 14.21
C PHE D 83 0.76 1.17 13.11
N VAL D 84 0.38 1.62 11.92
CA VAL D 84 0.56 0.90 10.68
C VAL D 84 1.91 1.37 10.13
N LEU D 85 2.75 0.43 9.74
CA LEU D 85 4.00 0.72 9.07
C LEU D 85 4.03 0.00 7.72
N GLN D 86 4.19 0.74 6.64
CA GLN D 86 4.12 0.20 5.30
C GLN D 86 5.41 0.47 4.56
N LEU D 87 5.95 -0.57 3.94
CA LEU D 87 7.15 -0.48 3.09
C LEU D 87 6.74 -0.84 1.69
N ASP D 88 7.13 -0.01 0.73
CA ASP D 88 6.94 -0.28 -0.68
C ASP D 88 8.36 -0.32 -1.26
N ILE D 89 8.83 -1.52 -1.59
CA ILE D 89 10.21 -1.76 -1.98
C ILE D 89 10.24 -1.99 -3.47
N ASP D 90 11.09 -1.25 -4.16
CA ASP D 90 11.37 -1.50 -5.58
C ASP D 90 12.69 -2.29 -5.67
N TYR D 91 12.58 -3.57 -6.02
CA TYR D 91 13.72 -4.46 -6.01
C TYR D 91 14.13 -4.78 -7.42
N LYS D 92 15.33 -4.39 -7.82
CA LYS D 92 15.85 -4.70 -9.15
C LYS D 92 17.24 -5.32 -9.06
N ALA D 93 17.42 -6.46 -9.71
CA ALA D 93 18.74 -7.07 -9.79
C ALA D 93 19.69 -6.09 -10.46
N GLY D 94 20.80 -5.82 -9.82
CA GLY D 94 21.76 -4.89 -10.40
C GLY D 94 21.56 -3.47 -9.89
N GLY D 95 20.45 -3.25 -9.20
CA GLY D 95 20.21 -2.03 -8.46
C GLY D 95 19.20 -1.11 -9.13
N ILE D 96 18.53 -0.27 -8.33
CA ILE D 96 17.65 0.79 -8.82
C ILE D 96 17.73 1.99 -7.86
N THR D 97 17.57 3.20 -8.41
CA THR D 97 17.74 4.43 -7.66
C THR D 97 16.55 5.37 -7.79
N ILE D 98 16.46 6.31 -6.86
CA ILE D 98 15.45 7.36 -6.88
C ILE D 98 15.56 8.13 -8.20
N GLU D 99 16.78 8.52 -8.59
CA GLU D 99 16.97 9.34 -9.80
C GLU D 99 16.47 8.66 -11.04
N GLU D 100 16.71 7.36 -11.16
CA GLU D 100 16.30 6.58 -12.33
C GLU D 100 14.79 6.57 -12.44
N LYS D 101 14.12 6.68 -11.31
CA LYS D 101 12.66 6.71 -11.26
C LYS D 101 12.04 8.12 -11.45
N VAL D 102 12.70 9.18 -11.00
CA VAL D 102 12.07 10.52 -11.01
C VAL D 102 12.72 11.63 -11.85
N SER D 103 13.97 11.47 -12.24
CA SER D 103 14.77 12.61 -12.70
C SER D 103 14.17 13.26 -13.94
N LYS D 104 13.55 12.48 -14.80
CA LYS D 104 12.91 13.04 -15.99
C LYS D 104 11.71 13.93 -15.69
N TYR D 105 11.12 13.81 -14.50
CA TYR D 105 10.04 14.70 -14.08
C TYR D 105 10.54 15.86 -13.25
N ARG D 106 11.86 16.00 -13.18
CA ARG D 106 12.52 16.97 -12.32
C ARG D 106 13.55 17.78 -13.13
O1 UNL E . -10.23 -6.06 7.51
O2 UNL E . -9.01 -6.19 8.69
O3 UNL E . -8.12 -4.66 10.27
O4 UNL E . -8.26 -4.16 8.08
O5 UNL E . -8.84 -2.26 7.65
O6 UNL E . -7.75 -1.71 8.35
O7 UNL E . -9.77 -1.81 6.59
O8 UNL E . -10.93 -2.64 5.95
O9 UNL E . -12.10 -1.84 4.82
O10 UNL E . -11.31 -4.19 5.95
O11 UNL E . -10.07 -4.53 6.77
O12 UNL E . -7.92 -3.69 12.43
O1 UNL F . 6.36 8.01 -9.84
O2 UNL F . 8.11 7.18 -10.45
O3 UNL F . 7.49 5.24 -9.93
O4 UNL F . 5.71 5.47 -9.87
O5 UNL F . 4.47 4.31 -10.28
O6 UNL F . 4.78 3.00 -10.22
O7 UNL F . 3.10 4.78 -10.61
O8 UNL F . 2.76 6.17 -10.70
O9 UNL F . 1.20 6.81 -11.61
O10 UNL F . 3.50 7.59 -10.29
O11 UNL F . 5.00 6.96 -9.91
O12 UNL F . 9.32 4.32 -12.80
O1 UNL G . -2.04 -13.57 -2.30
O2 UNL G . -2.90 -13.98 -4.12
O3 UNL G . -2.61 -12.18 -5.52
O4 UNL G . -1.13 -11.87 -4.06
O5 UNL G . 0.57 -11.04 -4.02
O6 UNL G . 0.58 -10.55 -5.49
O7 UNL G . 1.72 -11.43 -3.34
O8 UNL G . 1.79 -12.30 -2.17
O9 UNL G . 3.14 -12.95 -1.24
O10 UNL G . 0.61 -13.29 -1.34
O11 UNL G . -0.70 -12.63 -2.57
O12 UNL G . -2.52 -13.13 -7.75
O1 UNL H . 6.09 11.84 4.48
O2 UNL H . 4.74 12.85 4.71
O3 UNL H . 3.04 12.43 5.36
O4 UNL H . 3.96 10.43 5.40
O5 UNL H . 3.91 9.05 6.57
O6 UNL H . 2.42 9.24 6.78
O7 UNL H . 5.06 8.44 6.99
O8 UNL H . 6.54 8.72 7.12
O9 UNL H . 7.96 7.78 7.42
O10 UNL H . 7.34 9.66 5.58
O11 UNL H . 5.88 10.22 5.23
O12 UNL H . 1.19 12.78 5.84
#